data_9RQ5
#
_entry.id   9RQ5
#
_cell.length_a   68.125
_cell.length_b   89.785
_cell.length_c   44.899
_cell.angle_alpha   90.000
_cell.angle_beta   90.000
_cell.angle_gamma   90.000
#
_symmetry.space_group_name_H-M   'P 21 21 2'
#
loop_
_entity.id
_entity.type
_entity.pdbx_description
1 polymer 'FosA family fosfomycin resistance glutathione transferase'
2 non-polymer 2-fluoranyl-~{N}-(furan-2-ylmethyl)benzenesulfonamide
3 non-polymer 1,2-ETHANEDIOL
4 non-polymer 'MANGANESE (II) ION'
5 non-polymer 'BROMIDE ION'
6 non-polymer 'DIMETHYL SULFOXIDE'
7 water water
#
_entity_poly.entity_id   1
_entity_poly.type   'polypeptide(L)'
_entity_poly.pdbx_seq_one_letter_code
;MLSGLNHLTLAVSQLAPSVAFYQQLLGMTLHARWDSGAYLSCGDLWLCLSLDPQRRVTPPEESDYTHYAFSISEADFASF
AARLEAAGVAVWKLNRSEGASHYFLDPDGHKLELHVGSLAQRLAACREQPYKGMVFFEQHHHHHH
;
_entity_poly.pdbx_strand_id   A,B
#
# COMPACT_ATOMS: atom_id res chain seq x y z
N MET A 1 7.08 3.14 -18.45
CA MET A 1 7.56 3.25 -17.05
C MET A 1 6.43 2.87 -16.09
N LEU A 2 6.70 2.97 -14.79
CA LEU A 2 5.66 2.72 -13.80
C LEU A 2 4.81 3.97 -13.68
N SER A 3 3.50 3.77 -13.52
N SER A 3 3.51 3.78 -13.53
CA SER A 3 2.57 4.88 -13.61
CA SER A 3 2.63 4.92 -13.35
C SER A 3 1.73 5.10 -12.36
C SER A 3 1.51 4.54 -12.38
N GLY A 4 1.89 4.29 -11.33
N GLY A 4 1.73 4.85 -11.12
CA GLY A 4 1.16 4.51 -10.09
CA GLY A 4 0.70 4.67 -10.13
C GLY A 4 0.95 3.19 -9.38
C GLY A 4 0.71 3.28 -9.52
N LEU A 5 0.04 3.20 -8.40
CA LEU A 5 -0.25 1.97 -7.70
C LEU A 5 -1.41 1.31 -8.41
N ASN A 6 -1.17 0.10 -8.90
CA ASN A 6 -2.22 -0.67 -9.54
C ASN A 6 -3.21 -1.21 -8.52
N HIS A 7 -2.71 -1.79 -7.43
CA HIS A 7 -3.57 -2.25 -6.35
C HIS A 7 -2.74 -2.42 -5.10
N LEU A 8 -3.43 -2.36 -3.97
CA LEU A 8 -2.91 -2.69 -2.65
C LEU A 8 -3.57 -3.99 -2.20
N THR A 9 -2.77 -4.98 -1.84
CA THR A 9 -3.28 -6.25 -1.32
C THR A 9 -2.88 -6.39 0.13
N LEU A 10 -3.88 -6.56 0.98
CA LEU A 10 -3.66 -6.81 2.40
C LEU A 10 -4.01 -8.26 2.72
N ALA A 11 -3.06 -8.96 3.34
CA ALA A 11 -3.35 -10.29 3.85
C ALA A 11 -4.20 -10.16 5.12
N VAL A 12 -5.25 -10.98 5.21
CA VAL A 12 -6.15 -10.92 6.35
C VAL A 12 -6.30 -12.32 6.93
N SER A 13 -6.55 -12.38 8.24
CA SER A 13 -6.69 -13.67 8.91
C SER A 13 -8.12 -14.18 8.90
N GLN A 14 -9.11 -13.29 8.86
CA GLN A 14 -10.53 -13.65 8.86
C GLN A 14 -11.22 -12.74 7.85
N LEU A 15 -11.78 -13.33 6.80
CA LEU A 15 -12.20 -12.53 5.66
C LEU A 15 -13.38 -11.64 6.00
N ALA A 16 -14.45 -12.22 6.54
CA ALA A 16 -15.67 -11.43 6.73
C ALA A 16 -15.47 -10.25 7.68
N PRO A 17 -14.79 -10.41 8.81
N PRO A 17 -14.83 -10.42 8.84
CA PRO A 17 -14.54 -9.24 9.66
CA PRO A 17 -14.53 -9.24 9.67
C PRO A 17 -13.74 -8.15 8.96
C PRO A 17 -13.74 -8.17 8.92
N SER A 18 -12.77 -8.54 8.13
N SER A 18 -12.75 -8.58 8.12
CA SER A 18 -11.99 -7.54 7.42
CA SER A 18 -11.96 -7.61 7.39
C SER A 18 -12.83 -6.85 6.35
C SER A 18 -12.82 -6.86 6.37
N VAL A 19 -13.63 -7.61 5.60
CA VAL A 19 -14.51 -6.95 4.64
C VAL A 19 -15.42 -5.97 5.35
N ALA A 20 -15.97 -6.37 6.50
CA ALA A 20 -16.87 -5.47 7.22
C ALA A 20 -16.14 -4.22 7.66
N PHE A 21 -14.88 -4.35 8.10
CA PHE A 21 -14.13 -3.19 8.53
C PHE A 21 -13.95 -2.19 7.39
N TYR A 22 -13.49 -2.68 6.24
CA TYR A 22 -13.21 -1.76 5.14
C TYR A 22 -14.48 -1.23 4.49
N GLN A 23 -15.50 -2.07 4.34
CA GLN A 23 -16.75 -1.64 3.71
C GLN A 23 -17.64 -0.88 4.69
N GLN A 24 -18.00 -1.50 5.81
CA GLN A 24 -18.97 -0.86 6.71
C GLN A 24 -18.34 0.30 7.48
N LEU A 25 -17.20 0.06 8.12
CA LEU A 25 -16.67 1.06 9.01
C LEU A 25 -15.96 2.16 8.25
N LEU A 26 -15.16 1.81 7.25
CA LEU A 26 -14.43 2.83 6.51
C LEU A 26 -15.17 3.34 5.28
N GLY A 27 -16.26 2.68 4.87
CA GLY A 27 -17.07 3.19 3.78
C GLY A 27 -16.59 2.88 2.40
N MET A 28 -15.66 1.95 2.23
CA MET A 28 -15.19 1.64 0.90
C MET A 28 -16.25 0.84 0.16
N THR A 29 -16.12 0.79 -1.15
CA THR A 29 -17.09 0.10 -2.00
C THR A 29 -16.68 -1.35 -2.21
N LEU A 30 -17.57 -2.27 -1.85
CA LEU A 30 -17.33 -3.70 -2.06
C LEU A 30 -17.84 -4.09 -3.43
N HIS A 31 -16.97 -4.68 -4.25
CA HIS A 31 -17.34 -5.11 -5.59
C HIS A 31 -17.57 -6.61 -5.70
N ALA A 32 -16.78 -7.39 -4.98
CA ALA A 32 -16.91 -8.83 -5.09
C ALA A 32 -16.20 -9.47 -3.91
N ARG A 33 -16.67 -10.65 -3.53
N ARG A 33 -16.65 -10.67 -3.55
CA ARG A 33 -15.99 -11.49 -2.58
CA ARG A 33 -15.95 -11.48 -2.56
C ARG A 33 -15.91 -12.89 -3.18
C ARG A 33 -16.06 -12.94 -2.97
N TRP A 34 -15.09 -13.72 -2.54
CA TRP A 34 -15.02 -15.14 -2.87
C TRP A 34 -14.48 -15.83 -1.62
N ASP A 35 -14.31 -17.15 -1.67
CA ASP A 35 -14.01 -17.85 -0.43
C ASP A 35 -12.68 -17.41 0.16
N SER A 36 -11.78 -16.85 -0.65
N SER A 36 -11.77 -16.85 -0.64
CA SER A 36 -10.45 -16.51 -0.21
CA SER A 36 -10.46 -16.48 -0.11
C SER A 36 -10.10 -15.04 -0.37
C SER A 36 -10.07 -15.04 -0.46
N GLY A 37 -11.04 -14.16 -0.68
CA GLY A 37 -10.67 -12.76 -0.79
C GLY A 37 -11.83 -11.86 -1.12
N ALA A 38 -11.51 -10.58 -1.29
CA ALA A 38 -12.51 -9.61 -1.70
C ALA A 38 -11.82 -8.48 -2.44
N TYR A 39 -12.59 -7.84 -3.32
CA TYR A 39 -12.16 -6.66 -4.04
C TYR A 39 -13.03 -5.46 -3.64
N LEU A 40 -12.38 -4.39 -3.23
CA LEU A 40 -13.02 -3.15 -2.86
C LEU A 40 -12.36 -2.01 -3.62
N SER A 41 -13.03 -0.88 -3.68
CA SER A 41 -12.40 0.34 -4.17
C SER A 41 -12.62 1.46 -3.18
N CYS A 42 -11.68 2.39 -3.18
CA CYS A 42 -11.73 3.61 -2.40
C CYS A 42 -11.30 4.70 -3.37
N GLY A 43 -12.26 5.43 -3.93
CA GLY A 43 -11.91 6.30 -5.05
C GLY A 43 -11.30 5.45 -6.14
N ASP A 44 -10.13 5.86 -6.62
N ASP A 44 -10.12 5.85 -6.60
CA ASP A 44 -9.43 5.11 -7.67
CA ASP A 44 -9.40 5.14 -7.65
C ASP A 44 -8.63 3.93 -7.12
C ASP A 44 -8.49 4.04 -7.11
N LEU A 45 -8.47 3.81 -5.81
CA LEU A 45 -7.71 2.69 -5.26
C LEU A 45 -8.44 1.37 -5.40
N TRP A 46 -7.74 0.39 -5.94
CA TRP A 46 -8.15 -1.01 -5.94
C TRP A 46 -7.52 -1.67 -4.72
N LEU A 47 -8.35 -2.05 -3.78
CA LEU A 47 -7.95 -2.78 -2.58
C LEU A 47 -8.36 -4.24 -2.70
N CYS A 48 -7.40 -5.12 -2.49
N CYS A 48 -7.42 -5.14 -2.48
CA CYS A 48 -7.63 -6.55 -2.39
CA CYS A 48 -7.71 -6.55 -2.41
C CYS A 48 -7.43 -6.96 -0.95
C CYS A 48 -7.41 -7.07 -1.01
N LEU A 49 -8.40 -7.70 -0.39
CA LEU A 49 -8.21 -8.42 0.86
C LEU A 49 -8.02 -9.89 0.52
N SER A 50 -6.92 -10.47 0.97
CA SER A 50 -6.57 -11.83 0.62
C SER A 50 -6.51 -12.67 1.89
N LEU A 51 -7.37 -13.68 1.98
CA LEU A 51 -7.36 -14.56 3.13
C LEU A 51 -6.07 -15.35 3.14
N ASP A 52 -5.27 -15.21 4.19
CA ASP A 52 -3.94 -15.80 4.23
C ASP A 52 -3.76 -16.47 5.58
N PRO A 53 -3.63 -17.81 5.63
CA PRO A 53 -3.37 -18.47 6.92
C PRO A 53 -2.08 -18.02 7.58
N GLN A 54 -1.18 -17.36 6.84
N GLN A 54 -1.18 -17.36 6.86
CA GLN A 54 0.05 -16.86 7.45
CA GLN A 54 0.06 -16.87 7.44
C GLN A 54 -0.15 -15.53 8.18
C GLN A 54 -0.06 -15.45 8.02
N ARG A 55 -1.21 -14.79 7.87
CA ARG A 55 -1.40 -13.49 8.53
C ARG A 55 -1.64 -13.65 10.02
N ARG A 56 -0.85 -12.92 10.80
CA ARG A 56 -1.03 -12.86 12.24
C ARG A 56 -1.58 -11.52 12.65
N VAL A 57 -2.41 -11.53 13.69
CA VAL A 57 -2.87 -10.31 14.32
C VAL A 57 -1.68 -9.72 15.07
N THR A 58 -1.23 -8.56 14.64
CA THR A 58 0.09 -8.07 15.05
C THR A 58 -0.04 -6.79 15.84
N PRO A 59 0.41 -6.77 17.09
CA PRO A 59 0.37 -5.52 17.84
C PRO A 59 1.29 -4.50 17.21
N PRO A 60 0.99 -3.21 17.36
CA PRO A 60 1.76 -2.19 16.63
C PRO A 60 3.18 -2.05 17.09
N GLU A 61 3.50 -2.44 18.32
CA GLU A 61 4.87 -2.40 18.79
C GLU A 61 5.73 -3.51 18.18
N GLU A 62 5.11 -4.49 17.53
N GLU A 62 5.08 -4.50 17.54
CA GLU A 62 5.85 -5.58 16.92
CA GLU A 62 5.77 -5.63 16.91
C GLU A 62 5.77 -5.56 15.39
C GLU A 62 5.98 -5.44 15.41
N SER A 63 5.38 -4.43 14.80
CA SER A 63 5.56 -4.18 13.39
C SER A 63 6.29 -2.86 13.16
N ASP A 64 6.91 -2.76 12.01
CA ASP A 64 7.62 -1.55 11.63
C ASP A 64 6.63 -0.48 11.16
N TYR A 65 7.16 0.64 10.70
CA TYR A 65 6.37 1.82 10.39
C TYR A 65 5.65 1.77 9.05
N THR A 66 5.76 0.68 8.29
CA THR A 66 5.04 0.57 7.03
C THR A 66 3.55 0.80 7.28
N HIS A 67 2.93 1.67 6.49
CA HIS A 67 1.54 2.01 6.73
C HIS A 67 0.89 2.56 5.46
N TYR A 68 -0.44 2.62 5.50
CA TYR A 68 -1.29 2.94 4.35
C TYR A 68 -2.21 4.07 4.76
N ALA A 69 -2.09 5.21 4.07
CA ALA A 69 -2.90 6.38 4.39
C ALA A 69 -3.96 6.59 3.32
N PHE A 70 -5.17 6.91 3.79
CA PHE A 70 -6.32 7.22 2.94
C PHE A 70 -6.64 8.71 3.00
N SER A 71 -7.01 9.26 1.87
CA SER A 71 -7.34 10.67 1.76
C SER A 71 -8.73 10.96 2.29
N ILE A 72 -8.83 12.07 3.02
CA ILE A 72 -10.10 12.58 3.52
C ILE A 72 -10.01 14.09 3.49
N SER A 73 -11.15 14.73 3.32
CA SER A 73 -11.16 16.17 3.24
C SER A 73 -11.02 16.80 4.62
N GLU A 74 -10.61 18.07 4.62
CA GLU A 74 -10.53 18.83 5.86
C GLU A 74 -11.88 18.88 6.57
N ALA A 75 -12.97 18.98 5.81
CA ALA A 75 -14.29 19.07 6.42
C ALA A 75 -14.73 17.78 7.08
N ASP A 76 -14.28 16.63 6.58
CA ASP A 76 -14.74 15.33 7.07
C ASP A 76 -13.79 14.70 8.09
N PHE A 77 -12.55 15.17 8.19
CA PHE A 77 -11.49 14.47 8.92
C PHE A 77 -11.85 14.23 10.38
N ALA A 78 -12.21 15.29 11.10
CA ALA A 78 -12.35 15.17 12.55
C ALA A 78 -13.52 14.26 12.91
N SER A 79 -14.64 14.37 12.21
N SER A 79 -14.65 14.42 12.22
CA SER A 79 -15.79 13.55 12.61
CA SER A 79 -15.82 13.59 12.51
C SER A 79 -15.57 12.09 12.25
C SER A 79 -15.47 12.11 12.30
N PHE A 80 -14.81 11.81 11.19
CA PHE A 80 -14.50 10.42 10.83
C PHE A 80 -13.55 9.83 11.88
N ALA A 81 -12.51 10.57 12.23
CA ALA A 81 -11.59 10.12 13.29
C ALA A 81 -12.35 9.88 14.59
N ALA A 82 -13.25 10.79 14.96
CA ALA A 82 -13.97 10.63 16.23
C ALA A 82 -14.90 9.42 16.19
N ARG A 83 -15.49 9.14 15.03
CA ARG A 83 -16.33 7.96 14.89
C ARG A 83 -15.53 6.68 15.05
N LEU A 84 -14.33 6.61 14.46
CA LEU A 84 -13.48 5.45 14.68
C LEU A 84 -13.13 5.30 16.14
N GLU A 85 -12.80 6.40 16.81
CA GLU A 85 -12.47 6.34 18.24
C GLU A 85 -13.65 5.83 19.04
N ALA A 86 -14.85 6.36 18.76
CA ALA A 86 -16.02 5.94 19.51
C ALA A 86 -16.36 4.49 19.25
N ALA A 87 -15.99 3.97 18.08
CA ALA A 87 -16.21 2.57 17.75
C ALA A 87 -15.15 1.64 18.34
N GLY A 88 -14.17 2.18 19.06
CA GLY A 88 -13.21 1.33 19.72
C GLY A 88 -12.06 0.88 18.84
N VAL A 89 -11.85 1.53 17.70
CA VAL A 89 -10.77 1.16 16.80
C VAL A 89 -9.43 1.51 17.45
N ALA A 90 -8.53 0.53 17.49
CA ALA A 90 -7.24 0.68 18.16
C ALA A 90 -6.35 1.62 17.37
N VAL A 91 -5.38 2.17 18.07
N VAL A 91 -5.41 2.26 18.08
CA VAL A 91 -4.54 3.17 17.45
CA VAL A 91 -4.60 3.34 17.53
C VAL A 91 -3.10 2.73 17.54
C VAL A 91 -3.13 3.06 17.81
N TRP A 92 -2.27 3.54 16.92
CA TRP A 92 -0.87 3.19 16.92
C TRP A 92 0.00 4.41 16.97
N LYS A 93 -0.53 5.61 16.75
CA LYS A 93 0.35 6.77 16.83
C LYS A 93 -0.48 8.01 17.15
N LEU A 94 0.10 8.91 17.93
CA LEU A 94 -0.61 10.12 18.36
C LEU A 94 0.03 11.40 17.86
N ASN A 95 1.35 11.45 17.73
CA ASN A 95 2.07 12.66 17.36
C ASN A 95 1.94 12.91 15.87
N ARG A 96 1.47 14.11 15.51
CA ARG A 96 1.25 14.48 14.11
C ARG A 96 2.57 14.98 13.54
N SER A 97 3.36 14.05 13.06
CA SER A 97 4.67 14.37 12.51
C SER A 97 4.64 14.61 11.01
N GLU A 98 3.50 14.42 10.34
CA GLU A 98 3.39 14.61 8.90
C GLU A 98 2.07 15.28 8.55
N GLY A 99 1.62 16.24 9.38
CA GLY A 99 0.42 16.99 9.11
C GLY A 99 -0.80 16.42 9.83
N ALA A 100 -1.96 16.72 9.26
CA ALA A 100 -3.24 16.35 9.88
C ALA A 100 -3.53 14.89 9.56
N SER A 101 -3.32 14.03 10.55
CA SER A 101 -3.44 12.59 10.37
C SER A 101 -4.04 11.95 11.62
N HIS A 102 -4.76 10.86 11.41
CA HIS A 102 -5.25 9.99 12.48
C HIS A 102 -4.76 8.59 12.18
N TYR A 103 -4.09 7.97 13.15
CA TYR A 103 -3.43 6.68 12.95
C TYR A 103 -4.22 5.59 13.65
N PHE A 104 -4.62 4.56 12.91
CA PHE A 104 -5.47 3.53 13.48
C PHE A 104 -5.12 2.18 12.87
N LEU A 105 -5.58 1.12 13.52
CA LEU A 105 -5.25 -0.25 13.14
C LEU A 105 -6.47 -0.97 12.58
N ASP A 106 -6.24 -1.83 11.59
CA ASP A 106 -7.27 -2.75 11.10
C ASP A 106 -7.30 -3.98 12.00
N PRO A 107 -8.23 -4.90 11.77
CA PRO A 107 -8.39 -6.03 12.70
C PRO A 107 -7.16 -6.89 12.85
N ASP A 108 -6.32 -6.96 11.84
CA ASP A 108 -5.09 -7.72 11.89
C ASP A 108 -3.88 -6.89 12.29
N GLY A 109 -4.06 -5.63 12.62
CA GLY A 109 -2.96 -4.78 12.95
C GLY A 109 -2.30 -4.10 11.78
N HIS A 110 -2.86 -4.18 10.57
CA HIS A 110 -2.32 -3.34 9.51
C HIS A 110 -2.40 -1.88 9.96
N LYS A 111 -1.31 -1.13 9.76
CA LYS A 111 -1.24 0.26 10.16
C LYS A 111 -1.85 1.14 9.09
N LEU A 112 -2.93 1.82 9.47
CA LEU A 112 -3.70 2.68 8.60
C LEU A 112 -3.63 4.12 9.11
N GLU A 113 -4.04 5.04 8.24
CA GLU A 113 -4.00 6.45 8.53
C GLU A 113 -5.08 7.16 7.73
N LEU A 114 -5.72 8.15 8.35
CA LEU A 114 -6.49 9.16 7.63
C LEU A 114 -5.59 10.38 7.51
N HIS A 115 -5.46 10.95 6.30
CA HIS A 115 -4.62 12.13 6.13
C HIS A 115 -5.30 13.17 5.27
N VAL A 116 -5.20 14.42 5.68
CA VAL A 116 -5.68 15.57 4.90
C VAL A 116 -4.49 16.20 4.20
N GLY A 117 -4.50 16.19 2.87
CA GLY A 117 -3.51 16.92 2.11
C GLY A 117 -2.74 16.09 1.11
N SER A 118 -2.26 16.75 0.07
CA SER A 118 -1.49 16.13 -0.99
C SER A 118 0.01 16.17 -0.70
N LEU A 119 0.76 15.47 -1.57
CA LEU A 119 2.22 15.56 -1.51
C LEU A 119 2.69 17.00 -1.71
N ALA A 120 2.12 17.70 -2.68
CA ALA A 120 2.51 19.08 -2.89
C ALA A 120 2.29 19.91 -1.64
N GLN A 121 1.15 19.71 -0.96
CA GLN A 121 0.88 20.48 0.26
C GLN A 121 1.85 20.09 1.36
N ARG A 122 2.21 18.81 1.45
N ARG A 122 2.15 18.80 1.48
CA ARG A 122 3.16 18.39 2.48
CA ARG A 122 3.17 18.34 2.41
C ARG A 122 4.56 18.96 2.20
C ARG A 122 4.48 19.07 2.17
N LEU A 123 4.95 19.04 0.92
CA LEU A 123 6.24 19.64 0.62
C LEU A 123 6.24 21.12 0.98
N ALA A 124 5.15 21.82 0.68
CA ALA A 124 5.07 23.24 1.02
C ALA A 124 5.14 23.44 2.53
N ALA A 125 4.45 22.60 3.29
CA ALA A 125 4.49 22.73 4.74
C ALA A 125 5.90 22.44 5.26
N CYS A 126 6.57 21.46 4.64
CA CYS A 126 7.91 21.08 5.06
C CYS A 126 8.94 22.16 4.74
N ARG A 127 8.70 22.97 3.72
CA ARG A 127 9.65 24.06 3.49
C ARG A 127 9.70 25.00 4.69
N GLU A 128 8.58 25.18 5.39
CA GLU A 128 8.55 26.04 6.57
C GLU A 128 8.96 25.29 7.82
N GLN A 129 8.58 24.02 7.93
CA GLN A 129 8.86 23.19 9.10
C GLN A 129 9.47 21.89 8.59
N PRO A 130 10.73 21.93 8.17
CA PRO A 130 11.33 20.77 7.52
C PRO A 130 11.70 19.70 8.52
N TYR A 131 11.71 18.46 8.06
N TYR A 131 11.73 18.46 8.03
CA TYR A 131 12.30 17.37 8.81
CA TYR A 131 12.38 17.41 8.78
C TYR A 131 13.82 17.56 8.82
C TYR A 131 13.85 17.74 8.94
N LYS A 132 14.48 17.07 9.88
CA LYS A 132 15.92 17.29 10.05
C LYS A 132 16.71 16.86 8.82
N GLY A 133 17.52 17.79 8.30
CA GLY A 133 18.35 17.49 7.16
C GLY A 133 17.64 17.48 5.82
N MET A 134 16.44 18.04 5.75
CA MET A 134 15.65 17.92 4.55
C MET A 134 16.20 18.74 3.38
N VAL A 135 16.24 18.08 2.21
N VAL A 135 16.21 18.11 2.21
CA VAL A 135 16.60 18.67 0.93
CA VAL A 135 16.59 18.73 0.95
C VAL A 135 15.43 18.45 -0.02
C VAL A 135 15.47 18.46 -0.05
N PHE A 136 15.18 19.45 -0.88
CA PHE A 136 14.10 19.42 -1.84
C PHE A 136 14.70 19.40 -3.23
N PHE A 137 14.18 18.55 -4.09
CA PHE A 137 14.67 18.41 -5.46
C PHE A 137 13.67 19.03 -6.42
N MET B 1 -15.81 10.90 4.29
CA MET B 1 -15.69 9.88 3.21
C MET B 1 -14.27 9.79 2.67
N LEU B 2 -13.77 8.57 2.48
CA LEU B 2 -12.42 8.41 2.00
C LEU B 2 -12.41 8.48 0.48
N SER B 3 -11.42 9.19 -0.07
CA SER B 3 -11.43 9.47 -1.50
C SER B 3 -10.33 8.78 -2.29
N GLY B 4 -9.48 8.01 -1.65
CA GLY B 4 -8.42 7.30 -2.34
C GLY B 4 -7.28 6.99 -1.41
N LEU B 5 -6.22 6.42 -1.98
CA LEU B 5 -4.98 6.23 -1.24
C LEU B 5 -4.24 7.55 -1.21
N ASN B 6 -3.95 8.04 -0.01
CA ASN B 6 -3.20 9.27 0.13
C ASN B 6 -1.70 9.03 -0.06
N HIS B 7 -1.14 8.07 0.67
CA HIS B 7 0.26 7.71 0.49
C HIS B 7 0.49 6.30 0.98
N LEU B 8 1.56 5.70 0.48
CA LEU B 8 2.09 4.42 0.91
C LEU B 8 3.44 4.70 1.56
N THR B 9 3.62 4.25 2.79
CA THR B 9 4.87 4.40 3.50
C THR B 9 5.49 3.02 3.71
N LEU B 10 6.73 2.88 3.28
CA LEU B 10 7.50 1.66 3.48
C LEU B 10 8.61 1.94 4.48
N ALA B 11 8.66 1.12 5.52
CA ALA B 11 9.80 1.16 6.44
C ALA B 11 11.00 0.52 5.77
N VAL B 12 12.16 1.17 5.88
CA VAL B 12 13.38 0.69 5.23
C VAL B 12 14.50 0.63 6.25
N SER B 13 15.40 -0.34 6.07
CA SER B 13 16.50 -0.49 7.02
C SER B 13 17.70 0.38 6.66
N GLN B 14 17.89 0.71 5.38
CA GLN B 14 19.01 1.52 4.91
C GLN B 14 18.48 2.48 3.86
N LEU B 15 18.54 3.77 4.14
CA LEU B 15 17.87 4.73 3.26
C LEU B 15 18.50 4.81 1.88
N ALA B 16 19.83 4.84 1.79
CA ALA B 16 20.46 5.05 0.49
C ALA B 16 20.13 3.96 -0.52
N PRO B 17 20.26 2.68 -0.21
CA PRO B 17 19.89 1.68 -1.23
C PRO B 17 18.42 1.65 -1.53
N SER B 18 17.56 1.98 -0.58
CA SER B 18 16.14 2.04 -0.88
C SER B 18 15.81 3.21 -1.81
N VAL B 19 16.40 4.39 -1.57
CA VAL B 19 16.20 5.49 -2.51
C VAL B 19 16.70 5.10 -3.89
N ALA B 20 17.87 4.45 -3.96
CA ALA B 20 18.39 4.04 -5.26
C ALA B 20 17.44 3.06 -5.95
N PHE B 21 16.90 2.10 -5.20
CA PHE B 21 15.97 1.12 -5.77
C PHE B 21 14.75 1.80 -6.37
N TYR B 22 14.09 2.67 -5.60
CA TYR B 22 12.85 3.26 -6.08
C TYR B 22 13.09 4.35 -7.13
N GLN B 23 14.12 5.18 -6.94
CA GLN B 23 14.38 6.26 -7.89
C GLN B 23 15.12 5.76 -9.13
N GLN B 24 16.28 5.13 -8.95
CA GLN B 24 17.11 4.79 -10.10
C GLN B 24 16.64 3.52 -10.79
N LEU B 25 16.42 2.44 -10.04
CA LEU B 25 16.03 1.20 -10.70
C LEU B 25 14.59 1.26 -11.19
N LEU B 26 13.67 1.69 -10.33
N LEU B 26 13.67 1.69 -10.32
CA LEU B 26 12.27 1.67 -10.72
CA LEU B 26 12.26 1.68 -10.68
C LEU B 26 11.85 2.92 -11.48
C LEU B 26 11.78 2.97 -11.31
N GLY B 27 12.63 4.00 -11.40
CA GLY B 27 12.31 5.20 -12.14
C GLY B 27 11.37 6.18 -11.49
N MET B 28 11.11 6.07 -10.20
CA MET B 28 10.23 7.02 -9.54
C MET B 28 10.92 8.36 -9.35
N THR B 29 10.11 9.40 -9.17
CA THR B 29 10.63 10.75 -9.02
C THR B 29 10.90 11.05 -7.55
N LEU B 30 12.13 11.46 -7.25
CA LEU B 30 12.49 11.83 -5.88
C LEU B 30 12.21 13.32 -5.66
N HIS B 31 11.32 13.62 -4.72
CA HIS B 31 10.97 15.00 -4.43
C HIS B 31 11.71 15.58 -3.24
N ALA B 32 12.02 14.78 -2.23
CA ALA B 32 12.69 15.29 -1.05
C ALA B 32 13.30 14.13 -0.31
N ARG B 33 14.36 14.43 0.44
CA ARG B 33 15.02 13.44 1.27
C ARG B 33 15.49 14.16 2.54
N TRP B 34 15.41 13.48 3.67
CA TRP B 34 15.87 14.01 4.94
C TRP B 34 16.65 12.92 5.65
N ASP B 35 17.13 13.21 6.85
CA ASP B 35 18.03 12.25 7.49
C ASP B 35 17.36 10.91 7.70
N SER B 36 16.03 10.85 7.83
CA SER B 36 15.37 9.59 8.12
C SER B 36 14.25 9.24 7.14
N GLY B 37 14.27 9.76 5.93
CA GLY B 37 13.27 9.32 4.98
C GLY B 37 13.38 10.04 3.65
N ALA B 38 12.42 9.72 2.78
CA ALA B 38 12.34 10.33 1.47
C ALA B 38 10.90 10.30 0.99
N TYR B 39 10.58 11.25 0.12
CA TYR B 39 9.31 11.30 -0.59
C TYR B 39 9.56 11.14 -2.07
N LEU B 40 8.85 10.21 -2.70
CA LEU B 40 8.89 9.97 -4.12
C LEU B 40 7.46 9.96 -4.66
N SER B 41 7.34 10.11 -5.98
CA SER B 41 6.08 9.89 -6.64
C SER B 41 6.24 8.95 -7.82
N CYS B 42 5.16 8.26 -8.11
CA CYS B 42 5.06 7.35 -9.23
C CYS B 42 3.65 7.57 -9.77
N GLY B 43 3.52 8.33 -10.86
CA GLY B 43 2.18 8.77 -11.23
C GLY B 43 1.53 9.49 -10.07
N ASP B 44 0.28 9.11 -9.75
N ASP B 44 0.29 9.10 -9.78
CA ASP B 44 -0.44 9.69 -8.63
CA ASP B 44 -0.46 9.68 -8.66
C ASP B 44 0.05 9.19 -7.28
C ASP B 44 -0.14 9.03 -7.31
N LEU B 45 0.80 8.10 -7.25
CA LEU B 45 1.23 7.54 -5.98
C LEU B 45 2.25 8.42 -5.28
N TRP B 46 1.95 8.77 -4.05
CA TRP B 46 2.90 9.37 -3.11
C TRP B 46 3.49 8.23 -2.28
N LEU B 47 4.78 8.00 -2.46
CA LEU B 47 5.52 6.99 -1.72
C LEU B 47 6.43 7.67 -0.71
N CYS B 48 6.39 7.19 0.52
N CYS B 48 6.36 7.20 0.53
CA CYS B 48 7.33 7.64 1.55
CA CYS B 48 7.31 7.58 1.57
C CYS B 48 8.18 6.46 1.97
C CYS B 48 8.20 6.40 1.86
N LEU B 49 9.50 6.65 1.94
CA LEU B 49 10.44 5.70 2.54
C LEU B 49 10.81 6.24 3.91
N SER B 50 10.64 5.44 4.93
CA SER B 50 10.89 5.87 6.31
C SER B 50 11.96 4.98 6.92
N LEU B 51 13.11 5.57 7.26
CA LEU B 51 14.19 4.82 7.87
C LEU B 51 13.73 4.33 9.25
N ASP B 52 13.78 3.03 9.46
CA ASP B 52 13.22 2.45 10.68
C ASP B 52 14.14 1.34 11.17
N PRO B 53 14.82 1.50 12.31
N PRO B 53 14.81 1.56 12.30
CA PRO B 53 15.71 0.41 12.75
CA PRO B 53 15.56 0.47 12.96
C PRO B 53 14.97 -0.88 13.05
C PRO B 53 14.73 -0.76 13.28
N GLN B 54 13.64 -0.81 13.25
N GLN B 54 13.39 -0.66 13.22
CA GLN B 54 12.84 -2.01 13.44
CA GLN B 54 12.54 -1.84 13.40
C GLN B 54 12.51 -2.76 12.15
C GLN B 54 12.58 -2.75 12.18
N ARG B 55 12.85 -2.22 10.99
CA ARG B 55 12.64 -2.98 9.77
C ARG B 55 13.66 -4.11 9.66
N ARG B 56 13.17 -5.33 9.50
N ARG B 56 13.16 -5.33 9.52
CA ARG B 56 14.00 -6.49 9.27
CA ARG B 56 13.98 -6.50 9.25
C ARG B 56 14.02 -6.81 7.79
C ARG B 56 14.03 -6.77 7.76
N VAL B 57 15.20 -7.18 7.27
CA VAL B 57 15.31 -7.66 5.90
C VAL B 57 14.67 -9.04 5.91
N THR B 58 13.49 -9.16 5.29
CA THR B 58 12.60 -10.27 5.60
C THR B 58 12.49 -11.21 4.42
N PRO B 59 12.91 -12.48 4.54
CA PRO B 59 12.73 -13.40 3.43
C PRO B 59 11.26 -13.56 3.09
N PRO B 60 10.94 -13.85 1.82
CA PRO B 60 9.52 -13.89 1.43
C PRO B 60 8.75 -15.02 2.06
N GLU B 61 9.41 -16.13 2.41
CA GLU B 61 8.73 -17.20 3.11
C GLU B 61 8.30 -16.79 4.51
N GLU B 62 8.85 -15.70 5.03
CA GLU B 62 8.59 -15.27 6.40
C GLU B 62 7.65 -14.08 6.50
N SER B 63 7.12 -13.59 5.39
CA SER B 63 6.11 -12.55 5.42
C SER B 63 4.85 -13.08 4.76
N ASP B 64 3.74 -12.45 5.11
CA ASP B 64 2.45 -12.80 4.54
C ASP B 64 2.32 -12.22 3.13
N TYR B 65 1.14 -12.39 2.53
CA TYR B 65 0.89 -12.05 1.14
C TYR B 65 0.64 -10.57 0.91
N THR B 66 0.69 -9.73 1.94
CA THR B 66 0.52 -8.30 1.73
C THR B 66 1.52 -7.80 0.68
N HIS B 67 1.04 -7.07 -0.31
CA HIS B 67 1.94 -6.63 -1.36
C HIS B 67 1.40 -5.41 -2.08
N TYR B 68 2.29 -4.77 -2.85
CA TYR B 68 2.06 -3.47 -3.47
C TYR B 68 2.35 -3.62 -4.96
N ALA B 69 1.34 -3.43 -5.80
CA ALA B 69 1.45 -3.59 -7.24
C ALA B 69 1.47 -2.24 -7.93
N PHE B 70 2.41 -2.07 -8.85
CA PHE B 70 2.55 -0.86 -9.66
C PHE B 70 2.04 -1.12 -11.06
N SER B 71 1.39 -0.11 -11.64
CA SER B 71 0.90 -0.22 -13.00
C SER B 71 2.00 0.02 -14.03
N ILE B 72 1.93 -0.75 -15.11
CA ILE B 72 2.80 -0.61 -16.25
C ILE B 72 1.99 -1.05 -17.46
N SER B 73 2.31 -0.51 -18.63
CA SER B 73 1.61 -0.96 -19.82
C SER B 73 2.10 -2.34 -20.25
N GLU B 74 1.22 -3.04 -20.98
CA GLU B 74 1.62 -4.31 -21.55
C GLU B 74 2.85 -4.16 -22.42
N ALA B 75 2.92 -3.08 -23.21
CA ALA B 75 4.04 -2.90 -24.13
C ALA B 75 5.36 -2.73 -23.37
N ASP B 76 5.34 -2.17 -22.16
CA ASP B 76 6.57 -1.92 -21.42
C ASP B 76 6.94 -3.05 -20.45
N PHE B 77 6.01 -3.97 -20.20
CA PHE B 77 6.15 -4.96 -19.12
C PHE B 77 7.43 -5.80 -19.28
N ALA B 78 7.64 -6.42 -20.44
CA ALA B 78 8.72 -7.41 -20.54
C ALA B 78 10.08 -6.75 -20.39
N SER B 79 10.27 -5.54 -20.93
N SER B 79 10.25 -5.56 -20.97
CA SER B 79 11.57 -4.90 -20.80
CA SER B 79 11.51 -4.84 -20.82
C SER B 79 11.81 -4.42 -19.37
C SER B 79 11.78 -4.52 -19.36
N PHE B 80 10.75 -4.07 -18.63
CA PHE B 80 10.94 -3.67 -17.24
C PHE B 80 11.27 -4.90 -16.39
N ALA B 81 10.58 -6.01 -16.64
CA ALA B 81 10.93 -7.25 -15.95
C ALA B 81 12.38 -7.65 -16.24
N ALA B 82 12.82 -7.49 -17.49
CA ALA B 82 14.20 -7.84 -17.83
C ALA B 82 15.21 -6.93 -17.14
N ARG B 83 14.85 -5.65 -16.95
CA ARG B 83 15.69 -4.71 -16.20
C ARG B 83 15.86 -5.18 -14.75
N LEU B 84 14.76 -5.55 -14.12
CA LEU B 84 14.82 -6.07 -12.75
C LEU B 84 15.67 -7.33 -12.68
N GLU B 85 15.53 -8.22 -13.68
N GLU B 85 15.50 -8.24 -13.65
CA GLU B 85 16.30 -9.45 -13.70
CA GLU B 85 16.31 -9.45 -13.67
C GLU B 85 17.79 -9.18 -13.91
C GLU B 85 17.78 -9.11 -13.83
N ALA B 86 18.12 -8.19 -14.75
CA ALA B 86 19.52 -7.84 -14.95
C ALA B 86 20.12 -7.31 -13.65
N ALA B 87 19.35 -6.53 -12.89
CA ALA B 87 19.78 -5.99 -11.61
C ALA B 87 19.80 -7.02 -10.50
N GLY B 88 19.40 -8.26 -10.77
CA GLY B 88 19.45 -9.30 -9.77
C GLY B 88 18.33 -9.26 -8.75
N VAL B 89 17.21 -8.62 -9.09
CA VAL B 89 16.11 -8.50 -8.15
C VAL B 89 15.39 -9.84 -8.06
N ALA B 90 15.17 -10.30 -6.84
CA ALA B 90 14.55 -11.60 -6.62
C ALA B 90 13.05 -11.58 -6.90
N VAL B 91 12.56 -12.71 -7.40
CA VAL B 91 11.14 -12.96 -7.64
C VAL B 91 10.60 -13.80 -6.51
N TRP B 92 9.39 -13.48 -6.04
CA TRP B 92 8.79 -14.21 -4.93
C TRP B 92 7.59 -15.08 -5.31
N LYS B 93 7.14 -15.05 -6.57
CA LYS B 93 5.96 -15.78 -7.00
C LYS B 93 5.94 -15.77 -8.51
N LEU B 94 5.41 -16.84 -9.13
CA LEU B 94 5.10 -16.82 -10.56
C LEU B 94 3.65 -16.42 -10.80
N ASN B 95 3.40 -15.77 -11.94
CA ASN B 95 2.04 -15.38 -12.29
C ASN B 95 1.20 -16.56 -12.76
N ARG B 96 -0.01 -16.69 -12.16
CA ARG B 96 -1.00 -17.68 -12.57
C ARG B 96 -2.40 -17.08 -12.66
N SER B 97 -2.52 -15.75 -12.69
N SER B 97 -2.53 -15.77 -12.82
CA SER B 97 -3.81 -15.04 -12.76
CA SER B 97 -3.84 -15.13 -12.87
C SER B 97 -3.91 -14.27 -14.08
C SER B 97 -3.84 -14.09 -13.98
N GLU B 98 -5.02 -13.55 -14.27
CA GLU B 98 -5.20 -12.81 -15.52
C GLU B 98 -4.44 -11.48 -15.44
N GLY B 99 -3.93 -11.07 -16.58
CA GLY B 99 -3.12 -9.88 -16.65
C GLY B 99 -1.68 -10.20 -16.32
N ALA B 100 -0.77 -9.63 -17.08
CA ALA B 100 0.64 -9.84 -16.80
C ALA B 100 0.98 -9.36 -15.39
N SER B 101 1.78 -10.15 -14.68
CA SER B 101 2.28 -9.77 -13.37
C SER B 101 3.68 -10.30 -13.19
N HIS B 102 4.55 -9.47 -12.60
CA HIS B 102 5.91 -9.82 -12.23
C HIS B 102 6.03 -9.52 -10.74
N TYR B 103 6.37 -10.53 -9.93
CA TYR B 103 6.37 -10.41 -8.49
C TYR B 103 7.81 -10.36 -7.98
N PHE B 104 8.21 -9.22 -7.42
CA PHE B 104 9.60 -8.99 -7.09
C PHE B 104 9.73 -8.36 -5.72
N LEU B 105 10.94 -8.46 -5.14
CA LEU B 105 11.19 -7.99 -3.78
C LEU B 105 12.04 -6.74 -3.77
N ASP B 106 11.74 -5.83 -2.83
CA ASP B 106 12.62 -4.69 -2.60
C ASP B 106 13.76 -5.10 -1.67
N PRO B 107 14.69 -4.18 -1.42
CA PRO B 107 15.89 -4.56 -0.64
C PRO B 107 15.60 -5.08 0.76
N ASP B 108 14.49 -4.69 1.35
CA ASP B 108 14.09 -5.14 2.68
C ASP B 108 13.11 -6.29 2.64
N GLY B 109 12.79 -6.80 1.46
CA GLY B 109 11.82 -7.86 1.34
C GLY B 109 10.39 -7.41 1.21
N HIS B 110 10.13 -6.11 1.04
CA HIS B 110 8.76 -5.72 0.72
C HIS B 110 8.35 -6.40 -0.58
N LYS B 111 7.14 -6.96 -0.57
CA LYS B 111 6.61 -7.68 -1.71
C LYS B 111 5.95 -6.70 -2.68
N LEU B 112 6.54 -6.64 -3.89
CA LEU B 112 6.11 -5.77 -4.95
C LEU B 112 5.63 -6.57 -6.14
N GLU B 113 4.93 -5.88 -7.05
CA GLU B 113 4.39 -6.50 -8.24
C GLU B 113 4.34 -5.44 -9.33
N LEU B 114 4.63 -5.84 -10.57
CA LEU B 114 4.23 -5.09 -11.75
C LEU B 114 2.98 -5.77 -12.27
N HIS B 115 1.91 -5.01 -12.50
CA HIS B 115 0.68 -5.60 -13.05
C HIS B 115 0.13 -4.75 -14.18
N VAL B 116 -0.36 -5.45 -15.20
CA VAL B 116 -1.08 -4.85 -16.32
C VAL B 116 -2.55 -5.22 -16.17
N GLY B 117 -3.40 -4.22 -15.98
CA GLY B 117 -4.83 -4.45 -15.94
C GLY B 117 -5.47 -3.79 -14.74
N SER B 118 -6.70 -3.36 -14.93
CA SER B 118 -7.48 -2.64 -13.93
C SER B 118 -8.38 -3.57 -13.13
N LEU B 119 -8.99 -3.00 -12.10
CA LEU B 119 -10.05 -3.69 -11.38
C LEU B 119 -11.19 -4.08 -12.30
N ALA B 120 -11.59 -3.17 -13.21
CA ALA B 120 -12.68 -3.48 -14.13
C ALA B 120 -12.35 -4.71 -14.98
N GLN B 121 -11.10 -4.80 -15.44
CA GLN B 121 -10.69 -5.96 -16.24
C GLN B 121 -10.75 -7.23 -15.42
N ARG B 122 -10.27 -7.17 -14.18
CA ARG B 122 -10.33 -8.33 -13.30
C ARG B 122 -11.76 -8.76 -13.03
N LEU B 123 -12.64 -7.80 -12.73
CA LEU B 123 -14.04 -8.14 -12.47
C LEU B 123 -14.69 -8.78 -13.70
N ALA B 124 -14.38 -8.26 -14.90
CA ALA B 124 -14.96 -8.85 -16.10
C ALA B 124 -14.52 -10.29 -16.27
N ALA B 125 -13.23 -10.56 -16.03
CA ALA B 125 -12.73 -11.92 -16.13
C ALA B 125 -13.39 -12.81 -15.08
N CYS B 126 -13.56 -12.31 -13.86
CA CYS B 126 -14.21 -13.08 -12.81
C CYS B 126 -15.67 -13.36 -13.12
N ARG B 127 -16.37 -12.41 -13.74
N ARG B 127 -16.38 -12.40 -13.72
CA ARG B 127 -17.76 -12.65 -14.08
CA ARG B 127 -17.76 -12.66 -14.08
C ARG B 127 -17.89 -13.80 -15.07
C ARG B 127 -17.86 -13.85 -15.02
N GLU B 128 -16.93 -13.93 -15.99
CA GLU B 128 -16.95 -15.03 -16.94
C GLU B 128 -16.53 -16.36 -16.31
N GLN B 129 -15.63 -16.32 -15.34
CA GLN B 129 -15.05 -17.52 -14.73
C GLN B 129 -14.91 -17.27 -13.24
N PRO B 130 -16.01 -17.33 -12.50
CA PRO B 130 -15.97 -16.91 -11.09
C PRO B 130 -15.13 -17.83 -10.24
N TYR B 131 -14.40 -17.24 -9.30
CA TYR B 131 -13.68 -18.02 -8.31
C TYR B 131 -14.68 -18.75 -7.42
N LYS B 132 -14.17 -19.73 -6.68
N LYS B 132 -14.18 -19.77 -6.72
CA LYS B 132 -15.03 -20.51 -5.79
CA LYS B 132 -15.07 -20.52 -5.83
C LYS B 132 -15.65 -19.61 -4.73
C LYS B 132 -15.65 -19.60 -4.76
N GLY B 133 -16.97 -19.63 -4.64
CA GLY B 133 -17.68 -18.81 -3.69
C GLY B 133 -17.88 -17.38 -4.11
N MET B 134 -17.65 -17.05 -5.36
CA MET B 134 -17.69 -15.65 -5.76
C MET B 134 -19.10 -15.10 -5.79
N VAL B 135 -19.24 -13.91 -5.23
N VAL B 135 -19.28 -13.93 -5.21
CA VAL B 135 -20.46 -13.12 -5.19
CA VAL B 135 -20.53 -13.18 -5.33
C VAL B 135 -20.07 -11.71 -5.62
C VAL B 135 -20.17 -11.72 -5.54
N PHE B 136 -20.92 -11.09 -6.44
CA PHE B 136 -20.71 -9.73 -6.90
C PHE B 136 -21.72 -8.81 -6.24
N PHE B 137 -21.36 -7.54 -6.09
CA PHE B 137 -22.20 -6.55 -5.45
C PHE B 137 -22.31 -5.32 -6.33
#